data_2EV9
#
_entry.id   2EV9
#
_cell.length_a   61.948
_cell.length_b   71.558
_cell.length_c   113.063
_cell.angle_alpha   90.00
_cell.angle_beta   90.00
_cell.angle_gamma   90.00
#
_symmetry.space_group_name_H-M   'P 21 21 21'
#
loop_
_entity.id
_entity.type
_entity.pdbx_description
1 polymer 'shikimate 5-dehydrogenase'
2 non-polymer 'SULFATE ION'
3 non-polymer '(3R,4S,5R)-3,4,5-TRIHYDROXYCYCLOHEX-1-ENE-1-CARBOXYLIC ACID'
4 non-polymer 'NADP NICOTINAMIDE-ADENINE-DINUCLEOTIDE PHOSPHATE'
5 water water
#
_entity_poly.entity_id   1
_entity_poly.type   'polypeptide(L)'
_entity_poly.pdbx_seq_one_letter_code
;MLRFAVLGHPVAHSLSPAMHAFALESLGLEGSYEAWDTPLEALPGRLKEVRRAFRGVNLTLPLKEAALAHLDWVSPEAQR
IGAVNTVLQVEGRLFGFNTDAPGFLEALKAGGIPLKGPALVLGAGGAGRAVAFALREAGLEVWVWNRTPQRALALAEEFG
LRAVPLEKAREARLLVNATRVGLEDPSASPLPAELFPEEGAAVDLVYRPLWTRFLREAKAKGLKVQTGLPMLAWQGALAF
RLWTGLLPDPSGMEEAARRALGV
;
_entity_poly.pdbx_strand_id   A,B
#
loop_
_chem_comp.id
_chem_comp.type
_chem_comp.name
_chem_comp.formula
NAP non-polymer 'NADP NICOTINAMIDE-ADENINE-DINUCLEOTIDE PHOSPHATE' 'C21 H28 N7 O17 P3'
SKM non-polymer '(3R,4S,5R)-3,4,5-TRIHYDROXYCYCLOHEX-1-ENE-1-CARBOXYLIC ACID' 'C7 H10 O5'
SO4 non-polymer 'SULFATE ION' 'O4 S -2'
#
# COMPACT_ATOMS: atom_id res chain seq x y z
N MET A 1 15.42 5.10 -1.25
CA MET A 1 14.55 4.98 -2.47
C MET A 1 13.11 5.38 -2.16
N LEU A 2 12.84 5.64 -0.88
CA LEU A 2 11.50 6.04 -0.43
C LEU A 2 11.28 7.51 -0.73
N ARG A 3 10.44 7.79 -1.72
CA ARG A 3 10.17 9.17 -2.10
C ARG A 3 8.79 9.61 -1.63
N PHE A 4 8.76 10.58 -0.74
CA PHE A 4 7.51 11.11 -0.18
C PHE A 4 7.42 12.62 -0.35
N ALA A 5 6.27 13.19 0.00
CA ALA A 5 6.07 14.62 -0.11
C ALA A 5 4.67 15.05 0.34
N VAL A 6 4.55 16.32 0.75
CA VAL A 6 3.25 16.84 1.16
C VAL A 6 2.72 17.75 0.06
N LEU A 7 1.53 17.43 -0.44
CA LEU A 7 0.90 18.20 -1.50
C LEU A 7 -0.14 19.17 -0.96
N GLY A 8 -0.04 20.43 -1.38
CA GLY A 8 -0.98 21.44 -0.94
C GLY A 8 -0.45 22.84 -1.21
N HIS A 9 -1.24 23.84 -0.82
CA HIS A 9 -0.88 25.23 -1.01
C HIS A 9 -1.56 26.11 0.03
N PRO A 10 -0.78 26.78 0.89
CA PRO A 10 0.69 26.74 0.89
C PRO A 10 1.23 25.54 1.66
N VAL A 11 2.50 25.22 1.43
CA VAL A 11 3.18 24.13 2.11
C VAL A 11 4.61 24.54 2.39
N ALA A 12 4.93 25.79 2.06
CA ALA A 12 6.28 26.32 2.25
C ALA A 12 6.80 26.17 3.67
N HIS A 13 5.93 26.35 4.64
CA HIS A 13 6.34 26.24 6.04
C HIS A 13 5.83 24.98 6.72
N SER A 14 5.57 23.95 5.92
CA SER A 14 5.09 22.67 6.43
C SER A 14 6.17 22.09 7.34
N LEU A 15 5.75 21.42 8.41
CA LEU A 15 6.69 20.82 9.35
C LEU A 15 6.86 19.33 9.05
N SER A 16 6.13 18.86 8.04
CA SER A 16 6.20 17.46 7.67
C SER A 16 7.57 17.03 7.17
N PRO A 17 8.19 17.82 6.27
CA PRO A 17 9.51 17.43 5.79
C PRO A 17 10.47 17.15 6.94
N ALA A 18 10.42 18.01 7.95
CA ALA A 18 11.28 17.86 9.12
C ALA A 18 10.94 16.59 9.90
N MET A 19 9.67 16.40 10.22
CA MET A 19 9.24 15.22 10.96
C MET A 19 9.62 13.92 10.28
N HIS A 20 9.39 13.87 8.97
CA HIS A 20 9.64 12.65 8.18
C HIS A 20 11.14 12.44 7.90
N ALA A 21 11.93 13.50 7.89
CA ALA A 21 13.36 13.36 7.68
C ALA A 21 13.85 12.61 8.92
N PHE A 22 13.21 12.90 10.05
CA PHE A 22 13.54 12.26 11.33
C PHE A 22 13.10 10.80 11.33
N ALA A 23 11.91 10.56 10.81
CA ALA A 23 11.36 9.21 10.74
C ALA A 23 12.30 8.34 9.94
N LEU A 24 12.66 8.78 8.75
CA LEU A 24 13.57 8.04 7.90
C LEU A 24 14.88 7.76 8.62
N GLU A 25 15.52 8.82 9.10
CA GLU A 25 16.79 8.70 9.80
C GLU A 25 16.68 7.78 11.01
N SER A 26 15.73 8.07 11.90
CA SER A 26 15.54 7.28 13.10
C SER A 26 15.31 5.78 12.82
N LEU A 27 14.80 5.47 11.63
CA LEU A 27 14.53 4.08 11.25
C LEU A 27 15.61 3.52 10.33
N GLY A 28 16.72 4.25 10.20
CA GLY A 28 17.80 3.78 9.37
C GLY A 28 17.39 3.55 7.93
N LEU A 29 16.45 4.35 7.45
CA LEU A 29 15.97 4.23 6.07
C LEU A 29 16.48 5.38 5.21
N GLU A 30 16.65 5.11 3.92
CA GLU A 30 17.11 6.11 2.98
C GLU A 30 15.91 6.59 2.18
N GLY A 31 15.70 7.90 2.15
CA GLY A 31 14.58 8.45 1.43
C GLY A 31 14.50 9.95 1.59
N SER A 32 13.40 10.52 1.11
CA SER A 32 13.22 11.96 1.18
C SER A 32 11.76 12.32 1.33
N TYR A 33 11.50 13.51 1.87
CA TYR A 33 10.14 14.01 2.05
C TYR A 33 10.21 15.51 1.74
N GLU A 34 9.57 15.91 0.64
CA GLU A 34 9.59 17.31 0.21
C GLU A 34 8.24 18.03 0.25
N ALA A 35 8.29 19.36 0.25
CA ALA A 35 7.10 20.19 0.25
C ALA A 35 6.83 20.49 -1.22
N TRP A 36 5.66 20.07 -1.72
CA TRP A 36 5.32 20.26 -3.13
C TRP A 36 4.07 21.13 -3.34
N ASP A 37 4.27 22.43 -3.55
CA ASP A 37 3.14 23.35 -3.76
C ASP A 37 2.19 22.84 -4.84
N THR A 38 0.92 22.65 -4.47
CA THR A 38 -0.07 22.13 -5.41
C THR A 38 -1.45 22.73 -5.20
N PRO A 39 -1.96 23.47 -6.21
CA PRO A 39 -3.27 24.11 -6.14
C PRO A 39 -4.37 23.14 -6.60
N LEU A 40 -5.62 23.44 -6.26
CA LEU A 40 -6.76 22.60 -6.64
C LEU A 40 -6.66 22.11 -8.08
N GLU A 41 -6.53 23.06 -8.98
CA GLU A 41 -6.46 22.81 -10.41
C GLU A 41 -5.30 21.90 -10.81
N ALA A 42 -4.16 22.04 -10.13
CA ALA A 42 -2.98 21.23 -10.45
C ALA A 42 -2.96 19.86 -9.77
N LEU A 43 -4.06 19.49 -9.14
CA LEU A 43 -4.12 18.22 -8.44
C LEU A 43 -4.25 17.00 -9.37
N PRO A 44 -5.26 16.98 -10.25
CA PRO A 44 -5.45 15.86 -11.18
C PRO A 44 -4.15 15.37 -11.81
N GLY A 45 -3.31 16.32 -12.20
CA GLY A 45 -2.05 15.97 -12.82
C GLY A 45 -1.01 15.53 -11.81
N ARG A 46 -0.95 16.24 -10.69
CA ARG A 46 0.01 15.93 -9.63
C ARG A 46 -0.08 14.46 -9.22
N LEU A 47 -1.29 13.95 -9.15
CA LEU A 47 -1.51 12.55 -8.75
C LEU A 47 -0.97 11.58 -9.79
N LYS A 48 -0.99 11.97 -11.06
CA LYS A 48 -0.45 11.12 -12.12
C LYS A 48 1.04 10.95 -11.87
N GLU A 49 1.70 12.05 -11.52
CA GLU A 49 3.13 12.02 -11.22
C GLU A 49 3.39 11.14 -10.00
N VAL A 50 2.59 11.33 -8.96
CA VAL A 50 2.73 10.55 -7.73
C VAL A 50 2.77 9.07 -8.07
N ARG A 51 1.87 8.65 -8.95
CA ARG A 51 1.78 7.27 -9.38
C ARG A 51 3.10 6.75 -9.97
N ARG A 52 3.87 7.65 -10.56
CA ARG A 52 5.13 7.28 -11.20
C ARG A 52 6.38 7.27 -10.33
N ALA A 53 6.55 8.28 -9.49
CA ALA A 53 7.75 8.34 -8.68
C ALA A 53 7.60 8.51 -7.17
N PHE A 54 6.37 8.38 -6.66
CA PHE A 54 6.19 8.53 -5.21
C PHE A 54 5.52 7.33 -4.56
N ARG A 55 6.11 6.89 -3.44
CA ARG A 55 5.57 5.78 -2.68
C ARG A 55 4.30 6.25 -1.96
N GLY A 56 4.31 7.51 -1.54
CA GLY A 56 3.14 8.06 -0.86
C GLY A 56 3.25 9.55 -0.62
N VAL A 57 2.11 10.18 -0.37
CA VAL A 57 2.08 11.62 -0.10
C VAL A 57 1.00 11.98 0.90
N ASN A 58 1.21 13.11 1.58
CA ASN A 58 0.24 13.64 2.50
C ASN A 58 -0.43 14.76 1.73
N LEU A 59 -1.72 14.97 1.99
CA LEU A 59 -2.45 16.04 1.32
C LEU A 59 -2.98 16.98 2.38
N THR A 60 -2.86 18.27 2.12
CA THR A 60 -3.36 19.27 3.05
C THR A 60 -4.20 20.26 2.26
N LEU A 61 -4.55 21.39 2.88
CA LEU A 61 -5.35 22.40 2.21
C LEU A 61 -4.72 22.85 0.90
N PRO A 62 -5.52 22.92 -0.18
CA PRO A 62 -6.95 22.61 -0.19
C PRO A 62 -7.26 21.33 -0.97
N LEU A 63 -6.36 20.35 -0.92
CA LEU A 63 -6.50 19.11 -1.67
C LEU A 63 -7.26 17.95 -1.03
N LYS A 64 -7.32 17.91 0.29
CA LYS A 64 -7.99 16.83 1.02
C LYS A 64 -9.33 16.32 0.50
N GLU A 65 -10.28 17.22 0.27
CA GLU A 65 -11.60 16.83 -0.20
C GLU A 65 -11.65 16.37 -1.66
N ALA A 66 -11.01 17.12 -2.55
CA ALA A 66 -11.02 16.81 -3.98
C ALA A 66 -10.31 15.51 -4.36
N ALA A 67 -9.29 15.15 -3.58
CA ALA A 67 -8.50 13.95 -3.85
C ALA A 67 -9.29 12.65 -4.03
N LEU A 68 -10.42 12.52 -3.35
CA LEU A 68 -11.23 11.31 -3.44
C LEU A 68 -11.63 10.88 -4.85
N ALA A 69 -12.10 11.85 -5.65
CA ALA A 69 -12.54 11.56 -7.01
C ALA A 69 -11.40 11.24 -7.97
N HIS A 70 -10.18 11.14 -7.44
CA HIS A 70 -9.02 10.82 -8.28
C HIS A 70 -8.17 9.72 -7.68
N LEU A 71 -8.81 8.77 -6.99
CA LEU A 71 -8.09 7.67 -6.39
C LEU A 71 -8.73 6.34 -6.74
N ASP A 72 -7.94 5.28 -6.73
CA ASP A 72 -8.45 3.95 -7.05
C ASP A 72 -9.30 3.37 -5.93
N TRP A 73 -8.93 3.69 -4.69
CA TRP A 73 -9.63 3.19 -3.52
C TRP A 73 -9.53 4.19 -2.37
N VAL A 74 -10.62 4.32 -1.62
CA VAL A 74 -10.69 5.21 -0.47
C VAL A 74 -11.22 4.43 0.72
N SER A 75 -10.55 4.55 1.85
CA SER A 75 -10.94 3.83 3.05
C SER A 75 -12.35 4.23 3.53
N PRO A 76 -13.05 3.30 4.19
CA PRO A 76 -14.40 3.60 4.69
C PRO A 76 -14.39 4.87 5.55
N GLU A 77 -13.37 5.00 6.41
CA GLU A 77 -13.28 6.18 7.27
C GLU A 77 -13.00 7.46 6.46
N ALA A 78 -12.09 7.38 5.51
CA ALA A 78 -11.78 8.56 4.71
C ALA A 78 -13.02 8.97 3.94
N GLN A 79 -13.82 7.98 3.53
CA GLN A 79 -15.06 8.21 2.79
C GLN A 79 -16.03 9.00 3.65
N ARG A 80 -16.32 8.47 4.84
CA ARG A 80 -17.25 9.10 5.77
C ARG A 80 -16.82 10.51 6.16
N ILE A 81 -15.53 10.68 6.46
CA ILE A 81 -15.01 11.99 6.83
C ILE A 81 -15.09 12.91 5.61
N GLY A 82 -14.95 12.30 4.43
CA GLY A 82 -15.01 13.08 3.21
C GLY A 82 -13.68 13.71 2.83
N ALA A 83 -12.59 13.24 3.46
CA ALA A 83 -11.27 13.80 3.15
C ALA A 83 -10.14 12.80 3.34
N VAL A 84 -9.12 12.93 2.50
CA VAL A 84 -7.94 12.08 2.53
C VAL A 84 -6.71 12.95 2.79
N ASN A 85 -5.88 12.54 3.74
CA ASN A 85 -4.68 13.30 4.05
C ASN A 85 -3.45 12.44 3.79
N THR A 86 -3.68 11.18 3.46
CA THR A 86 -2.59 10.25 3.22
C THR A 86 -2.85 9.35 2.02
N VAL A 87 -1.93 9.36 1.07
CA VAL A 87 -2.06 8.55 -0.12
C VAL A 87 -0.91 7.56 -0.24
N LEU A 88 -1.23 6.32 -0.58
CA LEU A 88 -0.23 5.26 -0.76
C LEU A 88 -0.21 4.84 -2.23
N GLN A 89 0.98 4.75 -2.82
CA GLN A 89 1.13 4.35 -4.23
C GLN A 89 1.75 2.96 -4.37
N VAL A 90 1.04 2.07 -5.06
CA VAL A 90 1.52 0.71 -5.31
C VAL A 90 1.06 0.30 -6.71
N GLU A 91 2.01 -0.15 -7.53
CA GLU A 91 1.73 -0.55 -8.91
C GLU A 91 0.99 0.54 -9.67
N GLY A 92 1.32 1.79 -9.37
CA GLY A 92 0.67 2.90 -10.03
C GLY A 92 -0.74 3.18 -9.56
N ARG A 93 -1.23 2.40 -8.59
CA ARG A 93 -2.57 2.60 -8.06
C ARG A 93 -2.49 3.51 -6.84
N LEU A 94 -3.56 4.26 -6.58
CA LEU A 94 -3.60 5.16 -5.44
C LEU A 94 -4.71 4.83 -4.45
N PHE A 95 -4.32 4.68 -3.19
CA PHE A 95 -5.25 4.36 -2.12
C PHE A 95 -5.28 5.54 -1.16
N GLY A 96 -6.48 5.97 -0.78
CA GLY A 96 -6.61 7.09 0.12
C GLY A 96 -7.02 6.71 1.52
N PHE A 97 -6.38 7.32 2.51
CA PHE A 97 -6.67 7.06 3.91
C PHE A 97 -6.72 8.37 4.69
N ASN A 98 -7.15 8.31 5.94
CA ASN A 98 -7.18 9.50 6.75
C ASN A 98 -6.53 9.18 8.08
N THR A 99 -5.35 9.75 8.31
CA THR A 99 -4.65 9.50 9.57
C THR A 99 -4.89 10.66 10.54
N ASP A 100 -5.65 11.67 10.11
CA ASP A 100 -5.97 12.78 11.01
C ASP A 100 -6.86 12.30 12.15
N ALA A 101 -7.86 11.49 11.82
CA ALA A 101 -8.78 10.97 12.83
C ALA A 101 -8.08 10.05 13.83
N PRO A 102 -7.44 8.98 13.35
CA PRO A 102 -6.78 8.11 14.35
C PRO A 102 -5.61 8.81 15.05
N GLY A 103 -4.98 9.74 14.35
CA GLY A 103 -3.86 10.48 14.93
C GLY A 103 -4.30 11.34 16.10
N PHE A 104 -5.44 12.02 15.94
CA PHE A 104 -5.98 12.84 17.00
C PHE A 104 -6.20 12.02 18.29
N LEU A 105 -6.80 10.83 18.14
CA LEU A 105 -7.06 9.98 19.30
C LEU A 105 -5.76 9.51 19.98
N GLU A 106 -4.77 9.16 19.17
CA GLU A 106 -3.50 8.68 19.70
C GLU A 106 -2.81 9.82 20.44
N ALA A 107 -2.94 11.03 19.90
CA ALA A 107 -2.33 12.21 20.52
C ALA A 107 -2.94 12.45 21.90
N LEU A 108 -4.27 12.36 22.00
CA LEU A 108 -4.95 12.57 23.27
C LEU A 108 -4.48 11.55 24.30
N LYS A 109 -4.42 10.29 23.88
CA LYS A 109 -3.99 9.23 24.79
C LYS A 109 -2.55 9.42 25.24
N ALA A 110 -1.64 9.60 24.29
CA ALA A 110 -0.22 9.80 24.61
C ALA A 110 0.00 11.05 25.45
N GLY A 111 -0.86 12.05 25.25
CA GLY A 111 -0.71 13.29 26.00
C GLY A 111 -1.40 13.34 27.34
N GLY A 112 -1.92 12.20 27.80
CA GLY A 112 -2.59 12.17 29.10
C GLY A 112 -3.90 12.93 29.12
N ILE A 113 -4.54 13.08 27.96
CA ILE A 113 -5.81 13.78 27.90
C ILE A 113 -6.94 12.76 27.99
N PRO A 114 -7.69 12.77 29.09
CA PRO A 114 -8.80 11.84 29.33
C PRO A 114 -9.93 11.94 28.31
N LEU A 115 -10.35 10.79 27.79
CA LEU A 115 -11.46 10.78 26.85
C LEU A 115 -12.74 10.93 27.67
N LYS A 116 -13.09 12.16 27.99
CA LYS A 116 -14.29 12.43 28.75
C LYS A 116 -15.11 13.51 28.04
N GLY A 117 -16.38 13.22 27.82
CA GLY A 117 -17.24 14.16 27.13
C GLY A 117 -18.22 14.81 28.10
N PRO A 118 -19.19 15.60 27.59
CA PRO A 118 -19.43 15.92 26.18
C PRO A 118 -18.22 16.61 25.53
N ALA A 119 -17.95 16.26 24.28
CA ALA A 119 -16.84 16.87 23.57
C ALA A 119 -17.45 17.87 22.60
N LEU A 120 -16.91 19.08 22.57
CA LEU A 120 -17.39 20.11 21.64
C LEU A 120 -16.30 20.41 20.63
N VAL A 121 -16.61 20.14 19.36
CA VAL A 121 -15.68 20.40 18.29
C VAL A 121 -16.10 21.73 17.66
N LEU A 122 -15.18 22.70 17.62
CA LEU A 122 -15.49 24.01 17.03
C LEU A 122 -15.01 23.98 15.59
N GLY A 123 -15.94 24.14 14.67
CA GLY A 123 -15.59 24.11 13.27
C GLY A 123 -16.12 22.85 12.63
N ALA A 124 -16.91 23.00 11.58
CA ALA A 124 -17.49 21.86 10.89
C ALA A 124 -16.82 21.65 9.55
N GLY A 125 -15.61 22.18 9.42
CA GLY A 125 -14.85 22.02 8.19
C GLY A 125 -14.17 20.68 8.15
N GLY A 126 -13.21 20.52 7.24
CA GLY A 126 -12.50 19.27 7.10
C GLY A 126 -11.85 18.72 8.35
N ALA A 127 -11.15 19.58 9.10
CA ALA A 127 -10.48 19.15 10.32
C ALA A 127 -11.52 18.80 11.38
N GLY A 128 -12.57 19.60 11.46
CA GLY A 128 -13.61 19.37 12.44
C GLY A 128 -14.31 18.06 12.16
N ARG A 129 -14.50 17.75 10.89
CA ARG A 129 -15.14 16.49 10.50
C ARG A 129 -14.28 15.30 10.93
N ALA A 130 -12.97 15.40 10.72
CA ALA A 130 -12.08 14.31 11.10
C ALA A 130 -12.10 14.10 12.61
N VAL A 131 -11.99 15.19 13.36
CA VAL A 131 -12.02 15.14 14.82
C VAL A 131 -13.37 14.61 15.34
N ALA A 132 -14.46 15.12 14.77
CA ALA A 132 -15.77 14.66 15.19
C ALA A 132 -15.90 13.16 14.96
N PHE A 133 -15.44 12.71 13.79
CA PHE A 133 -15.49 11.30 13.41
C PHE A 133 -14.75 10.45 14.44
N ALA A 134 -13.57 10.92 14.83
CA ALA A 134 -12.75 10.21 15.80
C ALA A 134 -13.42 10.14 17.17
N LEU A 135 -13.91 11.28 17.65
CA LEU A 135 -14.57 11.33 18.95
C LEU A 135 -15.85 10.50 18.97
N ARG A 136 -16.56 10.45 17.85
CA ARG A 136 -17.78 9.65 17.80
C ARG A 136 -17.40 8.18 17.90
N GLU A 137 -16.35 7.81 17.16
CA GLU A 137 -15.88 6.43 17.13
C GLU A 137 -15.46 5.97 18.53
N ALA A 138 -14.95 6.91 19.32
CA ALA A 138 -14.50 6.63 20.67
C ALA A 138 -15.67 6.52 21.65
N GLY A 139 -16.87 6.77 21.16
CA GLY A 139 -18.04 6.64 22.01
C GLY A 139 -18.45 7.81 22.87
N LEU A 140 -17.84 8.98 22.67
CA LEU A 140 -18.21 10.14 23.46
C LEU A 140 -19.42 10.84 22.87
N GLU A 141 -20.14 11.60 23.70
CA GLU A 141 -21.25 12.39 23.20
C GLU A 141 -20.55 13.58 22.54
N VAL A 142 -20.80 13.80 21.25
CA VAL A 142 -20.13 14.87 20.54
C VAL A 142 -21.05 15.99 20.07
N TRP A 143 -20.66 17.23 20.40
CA TRP A 143 -21.42 18.40 19.96
C TRP A 143 -20.53 19.11 18.94
N VAL A 144 -21.14 19.85 18.02
CA VAL A 144 -20.38 20.58 17.04
C VAL A 144 -20.97 21.98 16.86
N TRP A 145 -20.09 22.94 16.61
CA TRP A 145 -20.51 24.32 16.40
C TRP A 145 -19.76 24.80 15.17
N ASN A 146 -20.32 25.77 14.46
CA ASN A 146 -19.66 26.33 13.29
C ASN A 146 -20.14 27.76 13.18
N ARG A 147 -19.28 28.67 12.75
CA ARG A 147 -19.67 30.06 12.61
C ARG A 147 -20.91 30.11 11.72
N THR A 148 -20.88 29.30 10.67
CA THR A 148 -22.03 29.21 9.77
C THR A 148 -22.83 28.02 10.32
N PRO A 149 -23.95 28.30 11.00
CA PRO A 149 -24.83 27.29 11.60
C PRO A 149 -25.17 26.09 10.74
N GLN A 150 -25.45 26.31 9.46
CA GLN A 150 -25.81 25.23 8.57
C GLN A 150 -24.79 24.09 8.51
N ARG A 151 -23.51 24.45 8.40
CA ARG A 151 -22.46 23.45 8.30
C ARG A 151 -22.46 22.52 9.51
N ALA A 152 -22.70 23.08 10.68
CA ALA A 152 -22.73 22.28 11.91
C ALA A 152 -23.99 21.42 11.95
N LEU A 153 -25.12 22.01 11.57
CA LEU A 153 -26.38 21.26 11.57
C LEU A 153 -26.32 20.07 10.62
N ALA A 154 -25.73 20.27 9.44
CA ALA A 154 -25.60 19.20 8.46
C ALA A 154 -24.69 18.10 8.98
N LEU A 155 -23.56 18.48 9.56
CA LEU A 155 -22.61 17.50 10.08
C LEU A 155 -23.23 16.70 11.22
N ALA A 156 -23.98 17.38 12.09
CA ALA A 156 -24.63 16.74 13.22
C ALA A 156 -25.61 15.66 12.80
N GLU A 157 -26.43 15.96 11.80
CA GLU A 157 -27.40 14.98 11.33
C GLU A 157 -26.66 13.89 10.56
N GLU A 158 -25.64 14.29 9.81
CA GLU A 158 -24.87 13.37 9.01
C GLU A 158 -24.14 12.31 9.84
N PHE A 159 -23.54 12.73 10.95
CA PHE A 159 -22.78 11.83 11.84
C PHE A 159 -23.58 11.34 13.04
N GLY A 160 -24.80 11.84 13.18
CA GLY A 160 -25.61 11.45 14.32
C GLY A 160 -25.16 12.18 15.57
N LEU A 161 -24.67 13.40 15.40
CA LEU A 161 -24.20 14.21 16.53
C LEU A 161 -25.20 15.34 16.83
N ARG A 162 -24.79 16.30 17.65
CA ARG A 162 -25.66 17.41 18.02
C ARG A 162 -25.01 18.79 17.79
N ALA A 163 -25.66 19.63 16.98
CA ALA A 163 -25.14 20.96 16.73
C ALA A 163 -25.59 21.81 17.91
N VAL A 164 -24.67 22.55 18.51
CA VAL A 164 -24.99 23.37 19.66
C VAL A 164 -24.53 24.81 19.50
N PRO A 165 -25.12 25.71 20.31
CA PRO A 165 -24.80 27.13 20.30
C PRO A 165 -23.44 27.20 21.01
N LEU A 166 -22.66 28.24 20.75
CA LEU A 166 -21.35 28.37 21.35
C LEU A 166 -21.40 28.36 22.89
N GLU A 167 -22.53 28.76 23.46
CA GLU A 167 -22.68 28.81 24.91
C GLU A 167 -22.60 27.44 25.60
N LYS A 168 -22.89 26.38 24.86
CA LYS A 168 -22.86 25.03 25.43
C LYS A 168 -21.44 24.62 25.80
N ALA A 169 -20.47 25.43 25.39
CA ALA A 169 -19.08 25.15 25.70
C ALA A 169 -18.87 25.04 27.20
N ARG A 170 -19.66 25.79 27.97
CA ARG A 170 -19.55 25.76 29.42
C ARG A 170 -19.91 24.39 29.99
N GLU A 171 -20.57 23.57 29.19
CA GLU A 171 -20.97 22.25 29.62
C GLU A 171 -20.16 21.13 28.97
N ALA A 172 -19.24 21.49 28.09
CA ALA A 172 -18.39 20.49 27.45
C ALA A 172 -17.21 20.21 28.38
N ARG A 173 -16.64 19.00 28.28
CA ARG A 173 -15.48 18.64 29.11
C ARG A 173 -14.24 18.45 28.26
N LEU A 174 -14.44 18.42 26.95
CA LEU A 174 -13.36 18.33 26.00
C LEU A 174 -13.72 19.34 24.93
N LEU A 175 -12.83 20.30 24.70
CA LEU A 175 -13.05 21.32 23.69
C LEU A 175 -11.96 21.24 22.65
N VAL A 176 -12.33 21.24 21.37
CA VAL A 176 -11.32 21.17 20.33
C VAL A 176 -11.50 22.28 19.31
N ASN A 177 -10.48 23.12 19.13
CA ASN A 177 -10.60 24.15 18.11
C ASN A 177 -10.15 23.56 16.79
N ALA A 178 -11.11 23.35 15.89
CA ALA A 178 -10.80 22.82 14.59
C ALA A 178 -11.05 23.90 13.55
N THR A 179 -11.09 25.16 14.00
CA THR A 179 -11.29 26.27 13.07
C THR A 179 -9.93 26.89 12.82
N ARG A 180 -9.85 27.78 11.83
CA ARG A 180 -8.59 28.44 11.52
C ARG A 180 -8.46 29.74 12.32
N VAL A 181 -9.40 29.98 13.23
CA VAL A 181 -9.34 31.18 14.05
C VAL A 181 -8.14 31.08 14.96
N GLY A 182 -7.30 32.12 14.97
CA GLY A 182 -6.12 32.10 15.82
C GLY A 182 -4.87 31.74 15.05
N LEU A 183 -5.03 31.31 13.81
CA LEU A 183 -3.88 30.95 12.98
C LEU A 183 -3.05 32.22 12.78
N GLU A 184 -1.83 32.22 13.33
CA GLU A 184 -0.94 33.38 13.24
C GLU A 184 -1.63 34.67 13.66
N ASP A 185 -2.57 34.55 14.60
CA ASP A 185 -3.29 35.70 15.11
C ASP A 185 -3.52 35.55 16.61
N PRO A 186 -2.55 35.99 17.43
CA PRO A 186 -2.66 35.88 18.88
C PRO A 186 -3.84 36.64 19.49
N SER A 187 -4.42 37.57 18.74
CA SER A 187 -5.53 38.33 19.28
C SER A 187 -6.89 37.67 19.07
N ALA A 188 -6.93 36.58 18.31
CA ALA A 188 -8.20 35.93 18.04
C ALA A 188 -8.37 34.52 18.59
N SER A 189 -9.59 34.23 19.02
CA SER A 189 -9.99 32.93 19.55
C SER A 189 -11.43 32.68 19.11
N PRO A 190 -11.78 31.43 18.79
CA PRO A 190 -13.14 31.11 18.36
C PRO A 190 -14.16 31.06 19.50
N LEU A 191 -13.68 31.06 20.74
CA LEU A 191 -14.55 31.00 21.90
C LEU A 191 -14.29 32.13 22.87
N PRO A 192 -15.32 32.92 23.22
CA PRO A 192 -15.13 34.03 24.15
C PRO A 192 -14.67 33.44 25.48
N ALA A 193 -13.72 34.10 26.14
CA ALA A 193 -13.19 33.63 27.41
C ALA A 193 -14.24 33.19 28.42
N GLU A 194 -15.31 33.95 28.55
CA GLU A 194 -16.35 33.63 29.52
C GLU A 194 -17.15 32.36 29.24
N LEU A 195 -17.04 31.81 28.04
CA LEU A 195 -17.78 30.60 27.71
C LEU A 195 -17.01 29.31 27.96
N PHE A 196 -15.75 29.44 28.39
CA PHE A 196 -14.96 28.25 28.69
C PHE A 196 -15.43 27.56 29.97
N PRO A 197 -15.39 26.22 30.00
CA PRO A 197 -15.84 25.55 31.22
C PRO A 197 -14.70 25.66 32.24
N GLU A 198 -14.95 25.30 33.50
CA GLU A 198 -13.90 25.41 34.51
C GLU A 198 -13.20 24.10 34.80
N GLU A 199 -13.64 23.04 34.11
CA GLU A 199 -13.06 21.72 34.30
C GLU A 199 -13.07 21.03 32.95
N GLY A 200 -12.05 20.20 32.70
CA GLY A 200 -12.00 19.49 31.43
C GLY A 200 -10.68 19.66 30.70
N ALA A 201 -10.72 19.59 29.38
CA ALA A 201 -9.51 19.71 28.59
C ALA A 201 -9.78 20.43 27.28
N ALA A 202 -8.72 21.04 26.74
CA ALA A 202 -8.81 21.76 25.47
C ALA A 202 -7.66 21.42 24.55
N VAL A 203 -7.96 21.24 23.26
CA VAL A 203 -6.93 20.94 22.30
C VAL A 203 -7.13 21.87 21.12
N ASP A 204 -6.03 22.44 20.64
CA ASP A 204 -6.09 23.33 19.48
C ASP A 204 -5.33 22.71 18.32
N LEU A 205 -5.99 22.59 17.17
CA LEU A 205 -5.33 22.03 16.00
C LEU A 205 -4.34 23.06 15.44
N VAL A 206 -4.59 24.34 15.70
CA VAL A 206 -3.71 25.39 15.23
C VAL A 206 -2.43 25.40 16.05
N TYR A 207 -1.28 25.38 15.39
CA TYR A 207 0.00 25.39 16.11
C TYR A 207 0.90 26.58 15.75
N ARG A 208 0.36 27.53 15.00
CA ARG A 208 1.08 28.76 14.66
C ARG A 208 0.17 29.94 15.02
N PRO A 209 0.39 30.58 16.18
CA PRO A 209 1.42 30.33 17.19
C PRO A 209 1.16 29.04 17.97
N LEU A 210 2.17 28.58 18.70
CA LEU A 210 2.05 27.35 19.47
C LEU A 210 1.03 27.53 20.58
N TRP A 211 1.19 28.59 21.36
CA TRP A 211 0.25 28.88 22.44
C TRP A 211 -0.72 29.94 21.97
N THR A 212 -1.75 29.47 21.28
CA THR A 212 -2.81 30.30 20.74
C THR A 212 -3.61 30.98 21.84
N ARG A 213 -4.39 31.97 21.46
CA ARG A 213 -5.21 32.68 22.42
C ARG A 213 -6.16 31.67 23.07
N PHE A 214 -6.68 30.76 22.24
CA PHE A 214 -7.61 29.73 22.68
C PHE A 214 -7.03 28.87 23.80
N LEU A 215 -5.82 28.37 23.59
CA LEU A 215 -5.17 27.53 24.62
C LEU A 215 -4.79 28.30 25.86
N ARG A 216 -4.43 29.57 25.70
CA ARG A 216 -4.07 30.40 26.84
C ARG A 216 -5.34 30.64 27.67
N GLU A 217 -6.46 30.87 27.00
CA GLU A 217 -7.72 31.07 27.74
C GLU A 217 -8.08 29.78 28.48
N ALA A 218 -7.91 28.65 27.81
CA ALA A 218 -8.23 27.37 28.42
C ALA A 218 -7.34 27.11 29.63
N LYS A 219 -6.04 27.30 29.44
CA LYS A 219 -5.08 27.07 30.52
C LYS A 219 -5.36 28.00 31.70
N ALA A 220 -5.71 29.25 31.41
CA ALA A 220 -6.00 30.21 32.47
C ALA A 220 -7.23 29.76 33.28
N LYS A 221 -8.13 29.02 32.65
CA LYS A 221 -9.33 28.55 33.34
C LYS A 221 -9.09 27.24 34.10
N GLY A 222 -7.86 26.72 34.01
CA GLY A 222 -7.53 25.50 34.71
C GLY A 222 -7.71 24.21 33.94
N LEU A 223 -8.00 24.31 32.64
CA LEU A 223 -8.19 23.11 31.83
C LEU A 223 -6.85 22.51 31.40
N LYS A 224 -6.81 21.19 31.21
CA LYS A 224 -5.59 20.56 30.75
C LYS A 224 -5.54 20.87 29.24
N VAL A 225 -4.38 21.30 28.76
CA VAL A 225 -4.28 21.66 27.36
C VAL A 225 -3.24 20.91 26.53
N GLN A 226 -3.51 20.84 25.23
CA GLN A 226 -2.60 20.18 24.31
C GLN A 226 -2.57 21.05 23.06
N THR A 227 -1.36 21.28 22.57
CA THR A 227 -1.13 22.07 21.37
C THR A 227 -1.43 21.21 20.15
N GLY A 228 -1.28 21.81 18.97
CA GLY A 228 -1.54 21.06 17.75
C GLY A 228 -0.42 20.14 17.31
N LEU A 229 0.74 20.21 17.95
CA LEU A 229 1.86 19.36 17.52
C LEU A 229 1.69 17.84 17.73
N PRO A 230 1.17 17.42 18.88
CA PRO A 230 1.02 15.96 19.03
C PRO A 230 0.18 15.32 17.91
N MET A 231 -0.93 15.96 17.56
CA MET A 231 -1.78 15.41 16.49
C MET A 231 -1.06 15.43 15.15
N LEU A 232 -0.35 16.53 14.87
CA LEU A 232 0.40 16.66 13.62
C LEU A 232 1.41 15.52 13.52
N ALA A 233 2.08 15.25 14.64
CA ALA A 233 3.09 14.19 14.70
C ALA A 233 2.49 12.79 14.53
N TRP A 234 1.40 12.51 15.24
CA TRP A 234 0.76 11.19 15.14
C TRP A 234 0.15 10.91 13.77
N GLN A 235 -0.46 11.92 13.14
CA GLN A 235 -1.03 11.69 11.83
C GLN A 235 0.12 11.39 10.87
N GLY A 236 1.26 12.03 11.11
CA GLY A 236 2.44 11.81 10.29
C GLY A 236 3.03 10.43 10.50
N ALA A 237 3.18 10.02 11.76
CA ALA A 237 3.71 8.70 12.09
C ALA A 237 2.83 7.59 11.52
N LEU A 238 1.52 7.73 11.71
CA LEU A 238 0.59 6.72 11.21
C LEU A 238 0.66 6.64 9.69
N ALA A 239 0.87 7.78 9.05
CA ALA A 239 0.97 7.78 7.59
C ALA A 239 2.24 7.04 7.19
N PHE A 240 3.33 7.29 7.91
CA PHE A 240 4.59 6.63 7.59
C PHE A 240 4.42 5.11 7.69
N ARG A 241 3.65 4.66 8.68
CA ARG A 241 3.42 3.22 8.84
C ARG A 241 2.55 2.73 7.69
N LEU A 242 1.59 3.54 7.25
CA LEU A 242 0.75 3.12 6.14
C LEU A 242 1.64 2.86 4.92
N TRP A 243 2.65 3.71 4.74
CA TRP A 243 3.56 3.61 3.61
C TRP A 243 4.61 2.50 3.70
N THR A 244 5.16 2.28 4.90
CA THR A 244 6.25 1.33 5.05
C THR A 244 6.04 0.11 5.93
N GLY A 245 5.06 0.18 6.83
CA GLY A 245 4.82 -0.92 7.73
C GLY A 245 5.59 -0.65 9.01
N LEU A 246 6.33 0.46 9.03
CA LEU A 246 7.12 0.85 10.20
C LEU A 246 6.54 2.09 10.89
N LEU A 247 6.49 2.07 12.21
CA LEU A 247 5.96 3.22 12.97
C LEU A 247 7.10 4.01 13.61
N PRO A 248 7.40 5.21 13.08
CA PRO A 248 8.46 6.02 13.68
C PRO A 248 8.01 6.59 15.03
N ASP A 249 8.96 7.05 15.83
CA ASP A 249 8.63 7.59 17.14
C ASP A 249 7.83 8.90 17.07
N PRO A 250 6.56 8.88 17.50
CA PRO A 250 5.71 10.09 17.47
C PRO A 250 6.29 11.24 18.29
N SER A 251 6.82 10.92 19.47
CA SER A 251 7.40 11.96 20.33
C SER A 251 8.58 12.57 19.57
N GLY A 252 9.38 11.70 18.95
CA GLY A 252 10.52 12.16 18.20
C GLY A 252 10.12 13.04 17.04
N MET A 253 9.05 12.68 16.34
CA MET A 253 8.59 13.48 15.23
C MET A 253 8.07 14.83 15.71
N GLU A 254 7.38 14.83 16.85
CA GLU A 254 6.84 16.07 17.41
C GLU A 254 8.02 16.97 17.76
N GLU A 255 9.05 16.36 18.36
CA GLU A 255 10.24 17.10 18.74
C GLU A 255 10.85 17.75 17.49
N ALA A 256 10.91 17.00 16.39
CA ALA A 256 11.47 17.50 15.15
C ALA A 256 10.66 18.68 14.64
N ALA A 257 9.34 18.58 14.75
CA ALA A 257 8.46 19.66 14.29
C ALA A 257 8.67 20.91 15.13
N ARG A 258 8.86 20.71 16.43
CA ARG A 258 9.07 21.83 17.36
C ARG A 258 10.29 22.63 16.91
N ARG A 259 11.38 21.92 16.61
CA ARG A 259 12.61 22.55 16.16
C ARG A 259 12.43 23.27 14.83
N ALA A 260 11.67 22.66 13.92
CA ALA A 260 11.44 23.26 12.61
C ALA A 260 10.68 24.59 12.76
N LEU A 261 10.06 24.78 13.92
CA LEU A 261 9.32 26.01 14.19
C LEU A 261 10.26 27.14 14.59
N MET B 1 7.48 -5.21 14.56
CA MET B 1 8.33 -5.46 13.35
C MET B 1 7.51 -6.00 12.19
N LEU B 2 8.12 -6.08 11.02
CA LEU B 2 7.45 -6.56 9.82
C LEU B 2 7.20 -8.07 9.84
N ARG B 3 5.93 -8.45 9.68
CA ARG B 3 5.54 -9.86 9.67
C ARG B 3 5.00 -10.24 8.31
N PHE B 4 5.66 -11.20 7.67
CA PHE B 4 5.25 -11.65 6.36
C PHE B 4 5.10 -13.16 6.35
N ALA B 5 4.47 -13.69 5.29
CA ALA B 5 4.29 -15.12 5.18
C ALA B 5 3.84 -15.56 3.80
N VAL B 6 4.05 -16.84 3.52
CA VAL B 6 3.59 -17.40 2.27
C VAL B 6 2.54 -18.40 2.71
N LEU B 7 1.33 -18.27 2.17
CA LEU B 7 0.24 -19.15 2.53
C LEU B 7 -0.04 -20.09 1.37
N GLY B 8 -0.30 -21.36 1.68
CA GLY B 8 -0.57 -22.32 0.63
C GLY B 8 -0.43 -23.75 1.12
N HIS B 9 -0.71 -24.72 0.25
CA HIS B 9 -0.62 -26.11 0.63
C HIS B 9 -0.19 -26.92 -0.59
N PRO B 10 1.04 -27.46 -0.56
CA PRO B 10 2.01 -27.33 0.52
C PRO B 10 2.88 -26.08 0.35
N VAL B 11 3.71 -25.81 1.34
CA VAL B 11 4.61 -24.66 1.32
C VAL B 11 5.93 -25.06 1.99
N ALA B 12 6.05 -26.32 2.38
CA ALA B 12 7.24 -26.81 3.05
C ALA B 12 8.50 -26.64 2.21
N HIS B 13 8.33 -26.61 0.89
CA HIS B 13 9.46 -26.44 0.00
C HIS B 13 9.51 -25.08 -0.70
N SER B 14 8.75 -24.12 -0.19
CA SER B 14 8.75 -22.78 -0.75
C SER B 14 10.13 -22.18 -0.51
N LEU B 15 10.62 -21.41 -1.48
CA LEU B 15 11.93 -20.78 -1.33
C LEU B 15 11.76 -19.34 -0.85
N SER B 16 10.51 -18.90 -0.69
CA SER B 16 10.23 -17.53 -0.25
C SER B 16 10.78 -17.22 1.13
N PRO B 17 10.61 -18.12 2.11
CA PRO B 17 11.16 -17.77 3.43
C PRO B 17 12.63 -17.38 3.33
N ALA B 18 13.41 -18.18 2.58
CA ALA B 18 14.83 -17.91 2.42
C ALA B 18 15.11 -16.63 1.64
N MET B 19 14.35 -16.38 0.57
CA MET B 19 14.55 -15.17 -0.22
C MET B 19 14.26 -13.91 0.58
N HIS B 20 13.15 -13.91 1.31
CA HIS B 20 12.75 -12.73 2.06
C HIS B 20 13.57 -12.55 3.35
N ALA B 21 14.23 -13.61 3.81
CA ALA B 21 15.09 -13.50 4.98
C ALA B 21 16.25 -12.64 4.51
N PHE B 22 16.70 -12.90 3.28
CA PHE B 22 17.79 -12.13 2.70
C PHE B 22 17.32 -10.68 2.49
N ALA B 23 16.08 -10.52 2.03
CA ALA B 23 15.52 -9.19 1.80
C ALA B 23 15.57 -8.36 3.08
N LEU B 24 15.02 -8.93 4.15
CA LEU B 24 14.99 -8.26 5.44
C LEU B 24 16.38 -7.90 5.93
N GLU B 25 17.28 -8.87 5.94
CA GLU B 25 18.65 -8.66 6.39
C GLU B 25 19.43 -7.65 5.54
N SER B 26 19.45 -7.87 4.23
CA SER B 26 20.18 -6.99 3.33
C SER B 26 19.66 -5.56 3.38
N LEU B 27 18.42 -5.38 3.79
CA LEU B 27 17.85 -4.04 3.86
C LEU B 27 17.92 -3.49 5.28
N GLY B 28 18.50 -4.27 6.20
CA GLY B 28 18.63 -3.84 7.58
C GLY B 28 17.28 -3.62 8.25
N LEU B 29 16.31 -4.49 7.93
CA LEU B 29 14.97 -4.39 8.50
C LEU B 29 14.71 -5.54 9.47
N GLU B 30 13.96 -5.26 10.52
CA GLU B 30 13.62 -6.27 11.52
C GLU B 30 12.29 -6.89 11.17
N GLY B 31 12.25 -8.22 11.09
CA GLY B 31 11.00 -8.88 10.77
C GLY B 31 11.18 -10.35 10.45
N SER B 32 10.12 -10.96 9.93
CA SER B 32 10.16 -12.37 9.59
C SER B 32 9.22 -12.70 8.45
N TYR B 33 9.54 -13.77 7.74
CA TYR B 33 8.73 -14.26 6.64
C TYR B 33 8.63 -15.75 6.88
N GLU B 34 7.44 -16.22 7.23
CA GLU B 34 7.22 -17.63 7.52
C GLU B 34 6.29 -18.31 6.53
N ALA B 35 6.32 -19.63 6.52
CA ALA B 35 5.47 -20.42 5.65
C ALA B 35 4.30 -20.93 6.51
N TRP B 36 3.08 -20.58 6.14
CA TRP B 36 1.89 -20.99 6.87
C TRP B 36 1.11 -21.99 6.01
N ASP B 37 1.18 -23.27 6.34
CA ASP B 37 0.46 -24.29 5.59
C ASP B 37 -1.02 -23.93 5.66
N THR B 38 -1.62 -23.61 4.53
CA THR B 38 -3.03 -23.22 4.53
C THR B 38 -3.88 -23.82 3.42
N PRO B 39 -4.70 -24.84 3.74
CA PRO B 39 -5.57 -25.49 2.75
C PRO B 39 -6.64 -24.49 2.33
N LEU B 40 -7.36 -24.78 1.26
CA LEU B 40 -8.39 -23.85 0.80
C LEU B 40 -9.52 -23.64 1.79
N GLU B 41 -9.76 -24.64 2.64
CA GLU B 41 -10.84 -24.55 3.62
C GLU B 41 -10.46 -23.62 4.77
N ALA B 42 -9.17 -23.37 4.93
CA ALA B 42 -8.69 -22.51 6.00
C ALA B 42 -8.31 -21.11 5.51
N LEU B 43 -8.57 -20.83 4.23
CA LEU B 43 -8.25 -19.52 3.66
C LEU B 43 -8.95 -18.36 4.38
N PRO B 44 -10.28 -18.46 4.55
CA PRO B 44 -11.04 -17.40 5.22
C PRO B 44 -10.50 -17.07 6.62
N GLY B 45 -10.33 -18.10 7.44
CA GLY B 45 -9.84 -17.89 8.79
C GLY B 45 -8.42 -17.35 8.81
N ARG B 46 -7.64 -17.74 7.80
CA ARG B 46 -6.26 -17.29 7.70
C ARG B 46 -6.20 -15.82 7.29
N LEU B 47 -7.02 -15.43 6.32
CA LEU B 47 -7.04 -14.05 5.86
C LEU B 47 -7.45 -13.10 6.98
N LYS B 48 -8.33 -13.56 7.86
CA LYS B 48 -8.78 -12.73 8.95
C LYS B 48 -7.63 -12.50 9.92
N GLU B 49 -6.76 -13.49 10.06
CA GLU B 49 -5.62 -13.37 10.94
C GLU B 49 -4.57 -12.47 10.28
N VAL B 50 -4.60 -12.42 8.95
CA VAL B 50 -3.67 -11.57 8.22
C VAL B 50 -4.01 -10.12 8.46
N ARG B 51 -5.30 -9.79 8.37
CA ARG B 51 -5.79 -8.43 8.59
C ARG B 51 -5.32 -7.80 9.89
N ARG B 52 -4.98 -8.63 10.87
CA ARG B 52 -4.56 -8.11 12.16
C ARG B 52 -3.13 -8.40 12.60
N ALA B 53 -2.45 -9.31 11.92
CA ALA B 53 -1.09 -9.63 12.36
C ALA B 53 0.00 -9.63 11.29
N PHE B 54 -0.37 -9.41 10.04
CA PHE B 54 0.63 -9.38 8.98
C PHE B 54 0.57 -8.15 8.10
N ARG B 55 1.74 -7.62 7.74
CA ARG B 55 1.83 -6.46 6.87
C ARG B 55 1.51 -6.95 5.46
N GLY B 56 1.93 -8.17 5.16
CA GLY B 56 1.67 -8.73 3.84
C GLY B 56 1.96 -10.22 3.76
N VAL B 57 1.48 -10.84 2.69
CA VAL B 57 1.70 -12.26 2.49
C VAL B 57 1.63 -12.61 1.01
N ASN B 58 2.28 -13.72 0.66
CA ASN B 58 2.25 -14.21 -0.70
C ASN B 58 1.27 -15.36 -0.68
N LEU B 59 0.66 -15.66 -1.81
CA LEU B 59 -0.29 -16.75 -1.88
C LEU B 59 0.18 -17.73 -2.95
N THR B 60 0.15 -19.01 -2.62
CA THR B 60 0.54 -20.05 -3.56
C THR B 60 -0.62 -21.04 -3.70
N LEU B 61 -0.44 -22.05 -4.53
CA LEU B 61 -1.47 -23.05 -4.73
C LEU B 61 -1.85 -23.60 -3.36
N PRO B 62 -3.16 -23.81 -3.12
CA PRO B 62 -4.27 -23.57 -4.05
C PRO B 62 -5.13 -22.40 -3.59
N LEU B 63 -4.50 -21.26 -3.29
CA LEU B 63 -5.24 -20.09 -2.81
C LEU B 63 -5.24 -18.88 -3.73
N LYS B 64 -4.55 -18.96 -4.86
CA LYS B 64 -4.45 -17.84 -5.79
C LYS B 64 -5.76 -17.35 -6.41
N GLU B 65 -6.67 -18.27 -6.71
CA GLU B 65 -7.93 -17.88 -7.34
C GLU B 65 -9.04 -17.63 -6.31
N ALA B 66 -9.10 -18.44 -5.25
CA ALA B 66 -10.13 -18.30 -4.23
C ALA B 66 -9.85 -17.20 -3.22
N ALA B 67 -8.91 -16.33 -3.52
CA ALA B 67 -8.58 -15.25 -2.59
C ALA B 67 -9.26 -13.93 -2.95
N LEU B 68 -9.42 -13.68 -4.26
CA LEU B 68 -10.04 -12.45 -4.72
C LEU B 68 -11.33 -12.05 -4.01
N ALA B 69 -12.18 -13.03 -3.74
CA ALA B 69 -13.45 -12.76 -3.08
C ALA B 69 -13.34 -12.26 -1.64
N HIS B 70 -12.35 -12.77 -0.91
CA HIS B 70 -12.18 -12.38 0.47
C HIS B 70 -11.36 -11.12 0.73
N LEU B 71 -10.92 -10.46 -0.34
CA LEU B 71 -10.12 -9.24 -0.20
C LEU B 71 -10.97 -7.99 -0.41
N ASP B 72 -10.52 -6.89 0.17
CA ASP B 72 -11.26 -5.64 0.05
C ASP B 72 -11.03 -4.95 -1.29
N TRP B 73 -9.92 -5.26 -1.94
CA TRP B 73 -9.60 -4.65 -3.22
C TRP B 73 -8.64 -5.54 -4.00
N VAL B 74 -8.92 -5.73 -5.29
CA VAL B 74 -8.09 -6.56 -6.17
C VAL B 74 -7.69 -5.75 -7.40
N SER B 75 -6.41 -5.75 -7.73
CA SER B 75 -5.91 -5.00 -8.88
C SER B 75 -6.51 -5.52 -10.19
N PRO B 76 -6.54 -4.66 -11.22
CA PRO B 76 -7.08 -5.01 -12.54
C PRO B 76 -6.41 -6.28 -13.06
N GLU B 77 -5.10 -6.19 -13.31
CA GLU B 77 -4.35 -7.33 -13.82
C GLU B 77 -4.68 -8.59 -13.03
N ALA B 78 -4.70 -8.46 -11.70
CA ALA B 78 -5.00 -9.60 -10.85
C ALA B 78 -6.42 -10.12 -11.07
N GLN B 79 -7.33 -9.23 -11.45
CA GLN B 79 -8.72 -9.62 -11.69
C GLN B 79 -8.83 -10.36 -13.02
N ARG B 80 -8.13 -9.88 -14.03
CA ARG B 80 -8.15 -10.50 -15.35
C ARG B 80 -7.47 -11.86 -15.29
N ILE B 81 -6.25 -11.90 -14.79
CA ILE B 81 -5.52 -13.16 -14.67
C ILE B 81 -6.34 -14.10 -13.80
N GLY B 82 -7.09 -13.52 -12.88
CA GLY B 82 -7.92 -14.30 -11.98
C GLY B 82 -7.14 -14.94 -10.85
N ALA B 83 -6.01 -14.34 -10.50
CA ALA B 83 -5.16 -14.87 -9.45
C ALA B 83 -4.43 -13.77 -8.68
N VAL B 84 -4.29 -13.97 -7.38
CA VAL B 84 -3.59 -13.03 -6.52
C VAL B 84 -2.49 -13.81 -5.81
N ASN B 85 -1.27 -13.31 -5.89
CA ASN B 85 -0.14 -13.97 -5.24
C ASN B 85 0.44 -13.07 -4.15
N THR B 86 0.01 -11.81 -4.13
CA THR B 86 0.52 -10.86 -3.15
C THR B 86 -0.58 -10.07 -2.46
N VAL B 87 -0.62 -10.17 -1.13
CA VAL B 87 -1.62 -9.45 -0.34
C VAL B 87 -0.96 -8.43 0.57
N LEU B 88 -1.50 -7.23 0.57
CA LEU B 88 -1.01 -6.14 1.42
C LEU B 88 -2.09 -5.80 2.46
N GLN B 89 -1.68 -5.63 3.71
CA GLN B 89 -2.60 -5.27 4.79
C GLN B 89 -2.25 -3.90 5.37
N VAL B 90 -3.21 -2.99 5.30
CA VAL B 90 -3.08 -1.64 5.83
C VAL B 90 -4.41 -1.28 6.49
N GLU B 91 -4.34 -0.80 7.73
CA GLU B 91 -5.55 -0.44 8.48
C GLU B 91 -6.58 -1.56 8.49
N GLY B 92 -6.12 -2.79 8.63
CA GLY B 92 -7.01 -3.94 8.67
C GLY B 92 -7.65 -4.30 7.33
N ARG B 93 -7.32 -3.57 6.28
CA ARG B 93 -7.87 -3.85 4.95
C ARG B 93 -6.86 -4.69 4.14
N LEU B 94 -7.39 -5.53 3.25
CA LEU B 94 -6.55 -6.38 2.42
C LEU B 94 -6.67 -6.00 0.95
N PHE B 95 -5.53 -5.88 0.29
CA PHE B 95 -5.48 -5.54 -1.13
C PHE B 95 -4.73 -6.66 -1.86
N GLY B 96 -5.25 -7.09 -2.99
CA GLY B 96 -4.61 -8.17 -3.73
C GLY B 96 -3.92 -7.76 -5.02
N PHE B 97 -2.72 -8.31 -5.23
CA PHE B 97 -1.94 -8.02 -6.42
C PHE B 97 -1.36 -9.30 -7.01
N ASN B 98 -0.80 -9.18 -8.20
CA ASN B 98 -0.15 -10.30 -8.86
C ASN B 98 1.21 -9.82 -9.35
N THR B 99 2.25 -10.25 -8.65
CA THR B 99 3.60 -9.85 -9.01
C THR B 99 4.27 -10.85 -9.95
N ASP B 100 3.60 -11.95 -10.25
CA ASP B 100 4.16 -12.96 -11.16
C ASP B 100 4.26 -12.36 -12.55
N ALA B 101 3.19 -11.72 -13.01
CA ALA B 101 3.18 -11.10 -14.33
C ALA B 101 4.32 -10.10 -14.47
N PRO B 102 4.33 -9.03 -13.65
CA PRO B 102 5.43 -8.08 -13.81
C PRO B 102 6.78 -8.70 -13.45
N GLY B 103 6.78 -9.63 -12.51
CA GLY B 103 8.04 -10.27 -12.12
C GLY B 103 8.65 -10.99 -13.30
N PHE B 104 7.80 -11.69 -14.05
CA PHE B 104 8.24 -12.40 -15.23
C PHE B 104 8.95 -11.45 -16.20
N LEU B 105 8.29 -10.34 -16.51
CA LEU B 105 8.84 -9.34 -17.43
C LEU B 105 10.16 -8.75 -16.99
N GLU B 106 10.29 -8.39 -15.72
CA GLU B 106 11.53 -7.80 -15.23
C GLU B 106 12.67 -8.80 -15.24
N ALA B 107 12.35 -10.08 -15.00
CA ALA B 107 13.36 -11.13 -15.00
C ALA B 107 13.92 -11.29 -16.43
N LEU B 108 13.04 -11.37 -17.41
CA LEU B 108 13.47 -11.51 -18.79
C LEU B 108 14.40 -10.34 -19.13
N LYS B 109 13.89 -9.14 -18.93
CA LYS B 109 14.66 -7.94 -19.20
C LYS B 109 16.01 -7.93 -18.51
N ALA B 110 16.01 -8.14 -17.20
CA ALA B 110 17.26 -8.16 -16.45
C ALA B 110 18.13 -9.33 -16.86
N GLY B 111 17.52 -10.32 -17.51
CA GLY B 111 18.27 -11.50 -17.95
C GLY B 111 18.77 -11.41 -19.38
N GLY B 112 18.54 -10.27 -20.02
CA GLY B 112 19.00 -10.10 -21.38
C GLY B 112 18.15 -10.76 -22.44
N ILE B 113 17.02 -11.34 -22.02
CA ILE B 113 16.12 -12.00 -22.97
C ILE B 113 15.20 -10.95 -23.57
N PRO B 114 15.42 -10.60 -24.85
CA PRO B 114 14.60 -9.60 -25.53
C PRO B 114 13.13 -9.98 -25.59
N LEU B 115 12.26 -8.99 -25.47
CA LEU B 115 10.84 -9.26 -25.53
C LEU B 115 10.38 -9.19 -26.98
N LYS B 116 11.11 -9.91 -27.83
CA LYS B 116 10.81 -9.98 -29.24
C LYS B 116 9.97 -11.22 -29.53
N GLY B 117 8.77 -11.01 -30.07
CA GLY B 117 7.87 -12.11 -30.37
C GLY B 117 8.01 -12.58 -31.80
N PRO B 118 7.10 -13.45 -32.28
CA PRO B 118 5.98 -14.00 -31.51
C PRO B 118 6.47 -14.83 -30.34
N ALA B 119 5.77 -14.70 -29.22
CA ALA B 119 6.12 -15.46 -28.03
C ALA B 119 5.09 -16.55 -27.90
N LEU B 120 5.53 -17.74 -27.55
CA LEU B 120 4.63 -18.88 -27.37
C LEU B 120 4.68 -19.40 -25.94
N VAL B 121 3.52 -19.43 -25.30
CA VAL B 121 3.40 -19.92 -23.93
C VAL B 121 2.77 -21.30 -23.90
N LEU B 122 3.53 -22.28 -23.45
CA LEU B 122 3.06 -23.65 -23.36
C LEU B 122 2.33 -23.83 -22.02
N GLY B 123 1.02 -24.04 -22.08
CA GLY B 123 0.25 -24.20 -20.87
C GLY B 123 -0.78 -23.09 -20.72
N ALA B 124 -2.05 -23.48 -20.62
CA ALA B 124 -3.14 -22.53 -20.48
C ALA B 124 -3.65 -22.53 -19.04
N GLY B 125 -2.80 -22.94 -18.11
CA GLY B 125 -3.17 -22.98 -16.72
C GLY B 125 -2.94 -21.65 -16.01
N GLY B 126 -3.05 -21.67 -14.68
CA GLY B 126 -2.83 -20.46 -13.91
C GLY B 126 -1.50 -19.81 -14.23
N ALA B 127 -0.47 -20.63 -14.38
CA ALA B 127 0.87 -20.13 -14.68
C ALA B 127 0.87 -19.50 -16.07
N GLY B 128 0.26 -20.19 -17.03
CA GLY B 128 0.21 -19.67 -18.38
C GLY B 128 -0.54 -18.36 -18.46
N ARG B 129 -1.63 -18.25 -17.70
CA ARG B 129 -2.45 -17.03 -17.70
C ARG B 129 -1.61 -15.81 -17.36
N ALA B 130 -0.92 -15.88 -16.23
CA ALA B 130 -0.09 -14.76 -15.79
C ALA B 130 0.93 -14.36 -16.84
N VAL B 131 1.62 -15.36 -17.41
CA VAL B 131 2.62 -15.08 -18.42
C VAL B 131 2.02 -14.54 -19.71
N ALA B 132 0.94 -15.15 -20.17
CA ALA B 132 0.30 -14.70 -21.40
C ALA B 132 -0.07 -13.23 -21.24
N PHE B 133 -0.65 -12.90 -20.10
CA PHE B 133 -1.06 -11.52 -19.80
C PHE B 133 0.10 -10.54 -19.92
N ALA B 134 1.19 -10.84 -19.24
CA ALA B 134 2.37 -9.98 -19.22
C ALA B 134 3.03 -9.72 -20.58
N LEU B 135 3.18 -10.77 -21.39
CA LEU B 135 3.80 -10.62 -22.70
C LEU B 135 3.01 -9.68 -23.59
N ARG B 136 1.69 -9.77 -23.51
CA ARG B 136 0.83 -8.90 -24.30
C ARG B 136 1.10 -7.44 -23.99
N GLU B 137 0.76 -7.02 -22.77
CA GLU B 137 0.96 -5.63 -22.36
C GLU B 137 2.39 -5.15 -22.62
N ALA B 138 3.32 -6.08 -22.79
CA ALA B 138 4.72 -5.74 -23.04
C ALA B 138 4.95 -5.28 -24.48
N GLY B 139 4.01 -5.60 -25.37
CA GLY B 139 4.16 -5.20 -26.76
C GLY B 139 4.60 -6.29 -27.71
N LEU B 140 4.25 -7.53 -27.42
CA LEU B 140 4.63 -8.66 -28.27
C LEU B 140 3.42 -9.43 -28.79
N GLU B 141 3.59 -10.06 -29.96
CA GLU B 141 2.54 -10.89 -30.54
C GLU B 141 2.67 -12.19 -29.75
N VAL B 142 1.56 -12.67 -29.18
CA VAL B 142 1.58 -13.87 -28.35
C VAL B 142 0.64 -15.00 -28.71
N TRP B 143 1.18 -16.22 -28.79
CA TRP B 143 0.40 -17.42 -29.10
C TRP B 143 0.36 -18.27 -27.84
N VAL B 144 -0.66 -19.12 -27.73
CA VAL B 144 -0.79 -19.99 -26.57
C VAL B 144 -1.14 -21.40 -26.99
N TRP B 145 -0.57 -22.37 -26.28
CA TRP B 145 -0.82 -23.78 -26.55
C TRP B 145 -1.16 -24.47 -25.25
N ASN B 146 -1.90 -25.58 -25.34
CA ASN B 146 -2.28 -26.34 -24.17
C ASN B 146 -2.43 -27.80 -24.55
N ARG B 147 -2.00 -28.69 -23.67
CA ARG B 147 -2.11 -30.13 -23.91
C ARG B 147 -3.53 -30.41 -24.36
N THR B 148 -4.47 -29.67 -23.76
CA THR B 148 -5.89 -29.79 -24.06
C THR B 148 -6.30 -28.54 -24.84
N PRO B 149 -6.57 -28.68 -26.15
CA PRO B 149 -6.98 -27.55 -27.01
C PRO B 149 -8.09 -26.67 -26.44
N GLN B 150 -9.05 -27.28 -25.77
CA GLN B 150 -10.18 -26.55 -25.19
C GLN B 150 -9.68 -25.29 -24.48
N ARG B 151 -8.94 -25.51 -23.39
CA ARG B 151 -8.36 -24.45 -22.59
C ARG B 151 -7.69 -23.35 -23.40
N ALA B 152 -6.70 -23.75 -24.20
CA ALA B 152 -5.94 -22.82 -25.03
C ALA B 152 -6.81 -21.87 -25.84
N LEU B 153 -7.68 -22.43 -26.67
CA LEU B 153 -8.55 -21.63 -27.52
C LEU B 153 -9.40 -20.64 -26.73
N ALA B 154 -9.88 -21.07 -25.56
CA ALA B 154 -10.71 -20.20 -24.71
C ALA B 154 -9.89 -19.05 -24.13
N LEU B 155 -8.63 -19.34 -23.80
CA LEU B 155 -7.74 -18.34 -23.24
C LEU B 155 -7.32 -17.35 -24.31
N ALA B 156 -7.32 -17.81 -25.56
CA ALA B 156 -6.92 -16.97 -26.68
C ALA B 156 -7.93 -15.84 -26.92
N GLU B 157 -9.22 -16.12 -26.70
CA GLU B 157 -10.20 -15.08 -26.91
C GLU B 157 -10.28 -14.14 -25.71
N GLU B 158 -10.30 -14.72 -24.51
CA GLU B 158 -10.36 -13.93 -23.28
C GLU B 158 -9.35 -12.79 -23.31
N PHE B 159 -8.08 -13.15 -23.51
CA PHE B 159 -7.00 -12.18 -23.56
C PHE B 159 -6.83 -11.57 -24.94
N GLY B 160 -7.27 -12.29 -25.97
CA GLY B 160 -7.13 -11.79 -27.32
C GLY B 160 -5.84 -12.33 -27.92
N LEU B 161 -5.53 -13.58 -27.60
CA LEU B 161 -4.33 -14.25 -28.07
C LEU B 161 -4.67 -15.21 -29.22
N ARG B 162 -3.73 -16.09 -29.54
CA ARG B 162 -3.94 -17.05 -30.62
C ARG B 162 -3.52 -18.45 -30.18
N ALA B 163 -4.48 -19.38 -30.19
CA ALA B 163 -4.20 -20.76 -29.82
C ALA B 163 -3.64 -21.47 -31.05
N VAL B 164 -2.39 -21.89 -30.98
CA VAL B 164 -1.73 -22.55 -32.10
C VAL B 164 -1.36 -24.00 -31.80
N PRO B 165 -1.07 -24.78 -32.85
CA PRO B 165 -0.70 -26.18 -32.63
C PRO B 165 0.76 -26.18 -32.17
N LEU B 166 1.20 -27.27 -31.55
CA LEU B 166 2.56 -27.35 -31.05
C LEU B 166 3.60 -27.07 -32.12
N GLU B 167 3.32 -27.46 -33.36
CA GLU B 167 4.25 -27.23 -34.47
C GLU B 167 4.63 -25.76 -34.65
N LYS B 168 3.71 -24.86 -34.33
CA LYS B 168 3.96 -23.43 -34.47
C LYS B 168 5.15 -22.97 -33.65
N ALA B 169 5.53 -23.76 -32.65
CA ALA B 169 6.66 -23.41 -31.81
C ALA B 169 7.88 -23.06 -32.65
N ARG B 170 8.02 -23.69 -33.81
CA ARG B 170 9.16 -23.43 -34.68
C ARG B 170 9.22 -21.99 -35.18
N GLU B 171 8.07 -21.31 -35.21
CA GLU B 171 8.03 -19.93 -35.69
C GLU B 171 8.03 -18.90 -34.56
N ALA B 172 8.21 -19.36 -33.33
CA ALA B 172 8.24 -18.46 -32.18
C ALA B 172 9.65 -17.99 -31.87
N ARG B 173 9.76 -16.80 -31.28
CA ARG B 173 11.06 -16.27 -30.93
C ARG B 173 11.23 -16.30 -29.41
N LEU B 174 10.11 -16.48 -28.72
CA LEU B 174 10.10 -16.58 -27.26
C LEU B 174 9.23 -17.76 -26.89
N LEU B 175 9.85 -18.72 -26.21
CA LEU B 175 9.14 -19.91 -25.77
C LEU B 175 9.11 -19.96 -24.26
N VAL B 176 7.94 -20.18 -23.70
CA VAL B 176 7.78 -20.23 -22.26
C VAL B 176 7.09 -21.50 -21.80
N ASN B 177 7.76 -22.30 -21.00
CA ASN B 177 7.12 -23.52 -20.50
C ASN B 177 6.31 -23.18 -19.26
N ALA B 178 4.99 -23.20 -19.41
CA ALA B 178 4.10 -22.89 -18.30
C ALA B 178 3.38 -24.16 -17.85
N THR B 179 3.90 -25.32 -18.26
CA THR B 179 3.30 -26.59 -17.87
C THR B 179 4.16 -27.22 -16.80
N ARG B 180 3.63 -28.25 -16.14
CA ARG B 180 4.37 -28.94 -15.10
C ARG B 180 5.19 -30.08 -15.69
N VAL B 181 5.31 -30.08 -17.01
CA VAL B 181 6.09 -31.12 -17.69
C VAL B 181 7.56 -30.85 -17.46
N GLY B 182 8.27 -31.85 -16.96
CA GLY B 182 9.70 -31.68 -16.70
C GLY B 182 9.94 -31.52 -15.22
N LEU B 183 8.89 -31.19 -14.48
CA LEU B 183 9.00 -30.99 -13.03
C LEU B 183 9.51 -32.29 -12.39
N GLU B 184 10.74 -32.26 -11.89
CA GLU B 184 11.35 -33.42 -11.27
C GLU B 184 11.38 -34.58 -12.27
N ASP B 185 11.61 -34.23 -13.53
CA ASP B 185 11.64 -35.21 -14.61
C ASP B 185 12.67 -34.79 -15.66
N PRO B 186 13.96 -34.98 -15.37
CA PRO B 186 15.02 -34.61 -16.32
C PRO B 186 14.82 -35.17 -17.72
N SER B 187 14.05 -36.25 -17.83
CA SER B 187 13.81 -36.89 -19.13
C SER B 187 12.63 -36.30 -19.90
N ALA B 188 11.77 -35.56 -19.22
CA ALA B 188 10.57 -35.01 -19.85
C ALA B 188 10.63 -33.53 -20.25
N SER B 189 10.00 -33.24 -21.39
CA SER B 189 9.91 -31.90 -21.96
C SER B 189 8.59 -31.85 -22.75
N PRO B 190 7.82 -30.77 -22.58
CA PRO B 190 6.55 -30.65 -23.30
C PRO B 190 6.72 -30.43 -24.81
N LEU B 191 7.93 -30.10 -25.25
CA LEU B 191 8.18 -29.82 -26.65
C LEU B 191 9.26 -30.65 -27.33
N PRO B 192 8.89 -31.44 -28.35
CA PRO B 192 9.86 -32.26 -29.07
C PRO B 192 10.95 -31.36 -29.67
N ALA B 193 12.20 -31.76 -29.51
CA ALA B 193 13.34 -30.97 -29.99
C ALA B 193 13.20 -30.52 -31.45
N GLU B 194 12.58 -31.36 -32.27
CA GLU B 194 12.42 -31.02 -33.69
C GLU B 194 11.51 -29.81 -33.91
N LEU B 195 10.69 -29.49 -32.91
CA LEU B 195 9.76 -28.36 -33.05
C LEU B 195 10.32 -27.06 -32.49
N PHE B 196 11.56 -27.08 -32.04
CA PHE B 196 12.23 -25.90 -31.51
C PHE B 196 12.53 -24.94 -32.65
N PRO B 197 12.43 -23.62 -32.42
CA PRO B 197 12.71 -22.63 -33.46
C PRO B 197 14.21 -22.45 -33.71
N GLU B 198 14.54 -21.82 -34.83
CA GLU B 198 15.93 -21.56 -35.19
C GLU B 198 16.56 -20.64 -34.14
N GLU B 199 16.10 -19.38 -34.14
CA GLU B 199 16.60 -18.39 -33.21
C GLU B 199 15.50 -18.07 -32.20
N GLY B 200 15.84 -17.30 -31.17
CA GLY B 200 14.86 -16.94 -30.16
C GLY B 200 15.34 -17.21 -28.75
N ALA B 201 14.40 -17.30 -27.82
CA ALA B 201 14.72 -17.55 -26.43
C ALA B 201 13.72 -18.51 -25.82
N ALA B 202 14.12 -19.14 -24.72
CA ALA B 202 13.27 -20.09 -24.01
C ALA B 202 13.37 -19.84 -22.51
N VAL B 203 12.22 -19.84 -21.85
CA VAL B 203 12.17 -19.64 -20.41
C VAL B 203 11.32 -20.75 -19.81
N ASP B 204 11.83 -21.35 -18.74
CA ASP B 204 11.08 -22.40 -18.09
C ASP B 204 10.71 -21.95 -16.69
N LEU B 205 9.43 -22.04 -16.35
CA LEU B 205 8.97 -21.64 -15.03
C LEU B 205 9.28 -22.71 -13.98
N VAL B 206 9.54 -23.93 -14.46
CA VAL B 206 9.89 -25.04 -13.58
C VAL B 206 11.36 -24.85 -13.17
N TYR B 207 11.65 -24.88 -11.86
CA TYR B 207 13.03 -24.72 -11.41
C TYR B 207 13.57 -25.92 -10.62
N ARG B 208 12.84 -27.03 -10.67
CA ARG B 208 13.25 -28.28 -10.03
C ARG B 208 13.04 -29.41 -11.04
N PRO B 209 14.11 -29.85 -11.70
CA PRO B 209 15.50 -29.38 -11.59
C PRO B 209 15.66 -28.00 -12.23
N LEU B 210 16.78 -27.36 -11.94
CA LEU B 210 17.07 -26.03 -12.47
C LEU B 210 17.19 -26.10 -13.99
N TRP B 211 18.06 -26.97 -14.50
CA TRP B 211 18.23 -27.12 -15.94
C TRP B 211 17.40 -28.28 -16.46
N THR B 212 16.16 -27.97 -16.79
CA THR B 212 15.19 -28.94 -17.30
C THR B 212 15.57 -29.42 -18.68
N ARG B 213 14.95 -30.52 -19.12
CA ARG B 213 15.28 -31.02 -20.45
C ARG B 213 14.92 -29.94 -21.47
N PHE B 214 13.82 -29.24 -21.19
CA PHE B 214 13.34 -28.15 -22.04
C PHE B 214 14.46 -27.16 -22.28
N LEU B 215 15.04 -26.64 -21.21
CA LEU B 215 16.12 -25.67 -21.32
C LEU B 215 17.38 -26.26 -21.96
N ARG B 216 17.74 -27.47 -21.56
CA ARG B 216 18.91 -28.11 -22.15
C ARG B 216 18.74 -28.20 -23.66
N GLU B 217 17.60 -28.70 -24.11
CA GLU B 217 17.36 -28.81 -25.53
C GLU B 217 17.39 -27.43 -26.19
N ALA B 218 16.74 -26.46 -25.56
CA ALA B 218 16.70 -25.09 -26.08
C ALA B 218 18.10 -24.51 -26.27
N LYS B 219 18.97 -24.77 -25.30
CA LYS B 219 20.34 -24.27 -25.34
C LYS B 219 21.12 -24.94 -26.46
N ALA B 220 21.00 -26.26 -26.56
CA ALA B 220 21.69 -27.00 -27.61
C ALA B 220 21.30 -26.45 -28.98
N LYS B 221 20.04 -26.06 -29.12
CA LYS B 221 19.55 -25.51 -30.38
C LYS B 221 20.07 -24.10 -30.63
N GLY B 222 20.76 -23.55 -29.63
CA GLY B 222 21.32 -22.22 -29.76
C GLY B 222 20.43 -21.07 -29.33
N LEU B 223 19.35 -21.37 -28.61
CA LEU B 223 18.45 -20.31 -28.15
C LEU B 223 18.95 -19.72 -26.84
N LYS B 224 18.52 -18.49 -26.53
CA LYS B 224 18.89 -17.88 -25.26
C LYS B 224 17.99 -18.56 -24.24
N VAL B 225 18.50 -18.84 -23.05
CA VAL B 225 17.70 -19.50 -22.05
C VAL B 225 17.74 -18.85 -20.67
N GLN B 226 16.66 -19.00 -19.93
CA GLN B 226 16.57 -18.48 -18.58
C GLN B 226 15.83 -19.50 -17.72
N THR B 227 16.35 -19.76 -16.52
CA THR B 227 15.71 -20.72 -15.64
C THR B 227 14.51 -20.06 -14.98
N GLY B 228 13.85 -20.79 -14.09
CA GLY B 228 12.68 -20.26 -13.42
C GLY B 228 13.00 -19.42 -12.18
N LEU B 229 14.25 -19.43 -11.73
CA LEU B 229 14.59 -18.66 -10.53
C LEU B 229 14.53 -17.14 -10.66
N PRO B 230 14.93 -16.58 -11.82
CA PRO B 230 14.86 -15.12 -11.94
C PRO B 230 13.43 -14.60 -11.74
N MET B 231 12.45 -15.27 -12.34
CA MET B 231 11.07 -14.84 -12.19
C MET B 231 10.64 -14.97 -10.73
N LEU B 232 11.04 -16.05 -10.08
CA LEU B 232 10.70 -16.28 -8.69
C LEU B 232 11.25 -15.15 -7.83
N ALA B 233 12.49 -14.77 -8.12
CA ALA B 233 13.18 -13.71 -7.38
C ALA B 233 12.53 -12.35 -7.57
N TRP B 234 12.20 -12.01 -8.81
CA TRP B 234 11.57 -10.71 -9.06
C TRP B 234 10.15 -10.60 -8.51
N GLN B 235 9.33 -11.63 -8.67
CA GLN B 235 7.98 -11.55 -8.15
C GLN B 235 8.04 -11.36 -6.64
N GLY B 236 9.08 -11.93 -6.03
CA GLY B 236 9.24 -11.80 -4.59
C GLY B 236 9.78 -10.42 -4.20
N ALA B 237 10.69 -9.89 -5.02
CA ALA B 237 11.27 -8.59 -4.75
C ALA B 237 10.20 -7.53 -4.97
N LEU B 238 9.39 -7.74 -6.00
CA LEU B 238 8.33 -6.79 -6.32
C LEU B 238 7.31 -6.82 -5.19
N ALA B 239 7.06 -8.00 -4.62
CA ALA B 239 6.12 -8.12 -3.52
C ALA B 239 6.63 -7.39 -2.27
N PHE B 240 7.94 -7.52 -2.01
CA PHE B 240 8.53 -6.85 -0.86
C PHE B 240 8.42 -5.34 -1.02
N ARG B 241 8.66 -4.84 -2.22
CA ARG B 241 8.57 -3.40 -2.45
C ARG B 241 7.12 -2.97 -2.21
N LEU B 242 6.20 -3.77 -2.71
CA LEU B 242 4.78 -3.47 -2.56
C LEU B 242 4.42 -3.34 -1.07
N TRP B 243 5.01 -4.18 -0.24
CA TRP B 243 4.73 -4.12 1.20
C TRP B 243 5.45 -3.00 1.93
N THR B 244 6.67 -2.69 1.52
CA THR B 244 7.45 -1.69 2.23
C THR B 244 7.92 -0.46 1.47
N GLY B 245 7.94 -0.55 0.15
CA GLY B 245 8.40 0.56 -0.65
C GLY B 245 9.88 0.39 -0.95
N LEU B 246 10.47 -0.69 -0.43
CA LEU B 246 11.88 -0.98 -0.63
C LEU B 246 12.03 -2.21 -1.52
N LEU B 247 12.89 -2.11 -2.53
CA LEU B 247 13.15 -3.21 -3.44
C LEU B 247 14.43 -3.94 -3.08
N PRO B 248 14.33 -5.19 -2.63
CA PRO B 248 15.55 -5.91 -2.28
C PRO B 248 16.25 -6.34 -3.59
N ASP B 249 17.55 -6.57 -3.51
CA ASP B 249 18.33 -6.97 -4.69
C ASP B 249 17.81 -8.28 -5.29
N PRO B 250 17.21 -8.22 -6.47
CA PRO B 250 16.67 -9.44 -7.11
C PRO B 250 17.75 -10.51 -7.31
N SER B 251 18.96 -10.08 -7.65
CA SER B 251 20.05 -11.02 -7.84
C SER B 251 20.31 -11.74 -6.51
N GLY B 252 20.32 -10.96 -5.43
CA GLY B 252 20.55 -11.51 -4.11
C GLY B 252 19.46 -12.48 -3.67
N MET B 253 18.22 -12.22 -4.08
CA MET B 253 17.12 -13.11 -3.72
C MET B 253 17.23 -14.41 -4.52
N GLU B 254 17.58 -14.31 -5.80
CA GLU B 254 17.73 -15.51 -6.62
C GLU B 254 18.85 -16.35 -6.02
N GLU B 255 19.93 -15.71 -5.59
CA GLU B 255 21.06 -16.41 -5.00
C GLU B 255 20.62 -17.12 -3.72
N ALA B 256 19.76 -16.45 -2.94
CA ALA B 256 19.26 -17.03 -1.70
C ALA B 256 18.45 -18.28 -2.02
N ALA B 257 17.67 -18.20 -3.09
CA ALA B 257 16.84 -19.32 -3.53
C ALA B 257 17.75 -20.46 -3.99
N ARG B 258 18.79 -20.09 -4.72
CA ARG B 258 19.75 -21.04 -5.24
C ARG B 258 20.35 -21.83 -4.08
N ARG B 259 20.82 -21.12 -3.06
CA ARG B 259 21.41 -21.78 -1.91
C ARG B 259 20.39 -22.69 -1.23
N ALA B 260 19.16 -22.24 -1.09
CA ALA B 260 18.12 -23.06 -0.45
C ALA B 260 17.91 -24.35 -1.23
N LEU B 261 18.07 -24.29 -2.55
CA LEU B 261 17.92 -25.46 -3.41
C LEU B 261 19.12 -26.39 -3.32
N GLY B 262 20.27 -25.84 -2.93
CA GLY B 262 21.47 -26.63 -2.81
C GLY B 262 22.14 -26.94 -4.14
N VAL B 263 21.71 -26.25 -5.19
CA VAL B 263 22.27 -26.45 -6.53
C VAL B 263 22.83 -25.15 -7.08
S SO4 C . -13.53 37.75 22.07
O1 SO4 C . -12.63 36.70 21.23
O2 SO4 C . -14.44 36.94 22.84
O3 SO4 C . -12.76 38.51 22.81
O4 SO4 C . -14.26 38.44 21.03
O12 SKM D . -3.32 16.03 7.70
C8 SKM D . -2.09 16.71 7.83
C6 SKM D . -1.17 16.42 6.59
O7 SKM D . -0.93 15.02 6.46
C5 SKM D . 0.19 17.15 6.75
C4 SKM D . 0.01 18.60 7.16
C1 SKM D . 1.15 19.52 6.95
O2 SKM D . 2.30 19.07 6.41
O3 SKM D . 1.07 20.71 7.26
C10 SKM D . -1.12 19.07 7.70
C9 SKM D . -2.35 18.24 7.97
O11 SKM D . -3.38 18.63 7.05
PA NAP E . -9.77 25.62 7.16
O1A NAP E . -8.43 25.79 7.77
O2A NAP E . -10.15 26.33 5.91
O5B NAP E . -10.82 25.88 8.36
C5B NAP E . -12.25 25.82 8.08
C4B NAP E . -13.01 26.06 9.35
O4B NAP E . -12.64 27.34 10.01
C3B NAP E . -14.53 26.08 9.17
O3B NAP E . -15.13 25.37 10.27
C2B NAP E . -14.82 27.59 9.18
O2B NAP E . -16.18 27.94 9.42
C1B NAP E . -13.88 28.05 10.27
N9A NAP E . -13.61 29.50 10.28
C8A NAP E . -12.88 30.23 9.38
N7A NAP E . -12.81 31.53 9.66
C5A NAP E . -13.54 31.65 10.80
C6A NAP E . -13.86 32.80 11.60
N6A NAP E . -13.43 34.03 11.31
N1A NAP E . -14.65 32.56 12.71
C2A NAP E . -15.10 31.31 13.02
N3A NAP E . -14.84 30.17 12.32
C4A NAP E . -14.06 30.39 11.20
O3 NAP E . -9.95 24.01 6.99
PN NAP E . -9.53 22.67 7.77
O1N NAP E . -9.00 21.66 6.82
O2N NAP E . -10.75 22.29 8.56
O5D NAP E . -8.39 23.09 8.86
C5D NAP E . -8.68 23.40 10.25
C4D NAP E . -7.57 24.14 10.98
O4D NAP E . -6.85 23.27 11.90
C3D NAP E . -6.46 24.82 10.14
O3D NAP E . -6.15 26.13 10.55
C2D NAP E . -5.31 23.82 10.17
O2D NAP E . -4.07 24.55 10.12
C1D NAP E . -5.51 23.07 11.47
N1N NAP E . -5.24 21.59 11.40
C2N NAP E . -4.26 21.07 12.23
C3N NAP E . -3.94 19.71 12.24
C7N NAP E . -2.86 19.13 13.16
O7N NAP E . -2.27 18.09 12.83
N7N NAP E . -2.61 19.82 14.30
C4N NAP E . -4.66 18.83 11.35
C5N NAP E . -5.66 19.36 10.51
C6N NAP E . -5.95 20.72 10.52
P2B NAP E . -17.22 28.40 8.24
O1X NAP E . -17.95 27.16 7.80
O2X NAP E . -18.06 29.44 8.96
O3X NAP E . -16.38 29.01 7.14
S SO4 F . -3.71 -26.03 -13.37
O1 SO4 F . -2.93 -26.47 -14.72
O2 SO4 F . -5.01 -26.65 -13.47
O3 SO4 F . -3.04 -26.40 -12.32
O4 SO4 F . -3.87 -24.60 -13.54
O12 SKM G . 3.78 -16.30 -7.11
C8 SKM G . 4.77 -16.91 -6.28
C6 SKM G . 4.36 -16.73 -4.79
O7 SKM G . 4.25 -15.33 -4.49
C5 SKM G . 5.42 -17.36 -3.86
C4 SKM G . 5.81 -18.76 -4.31
C1 SKM G . 6.48 -19.64 -3.33
O2 SKM G . 6.73 -19.20 -2.10
O3 SKM G . 6.82 -20.77 -3.64
C10 SKM G . 5.59 -19.22 -5.54
C9 SKM G . 4.91 -18.42 -6.64
O11 SKM G . 3.61 -18.98 -6.87
#